data_9HPV
#
_entry.id   9HPV
#
_cell.length_a   122.430
_cell.length_b   122.430
_cell.length_c   160.470
_cell.angle_alpha   90.000
_cell.angle_beta   90.000
_cell.angle_gamma   120.000
#
_symmetry.space_group_name_H-M   'P 65 2 2'
#
loop_
_entity.id
_entity.type
_entity.pdbx_description
1 polymer Beta-lactamase
2 non-polymer (2S,5R)-N-(2-aminoethoxy)-1-formyl-5-[(sulfooxy)amino]piperidine-2-carboxamide
3 non-polymer 1,2-ETHANEDIOL
4 non-polymer GLYCEROL
5 non-polymer (2S,5R)-N-(2-azanylethoxy)-1-methanoyl-5-(oxidanylamino)piperidine-2-carboxamide
6 non-polymer 'CHLORIDE ION'
7 non-polymer 'NONAETHYLENE GLYCOL'
8 water water
#
_entity_poly.entity_id   1
_entity_poly.type   'polypeptide(L)'
_entity_poly.pdbx_seq_one_letter_code
;GPKEWQENKSWNAHFTEHKSQGVVVLWNENKQQGFTNNLKRANQAFLPASTF(KCX)IPNSLIALDLGVVKDEHQVFKWD
GQTRDIATWNRDHNLITAMKYSVVPVYQEFARQIGEARMSKMLHAFDYGNEDISGNVDSFWLDGGIRISATEQISFLRKL
YHNKLHVSERSQRIVKQAMLTEANGDYIIRAKTGYDTKIGWWVGWVELDDNVWFFAMNMDMPTSDGLGLRQAITKEVLKQ
EKIIP
;
_entity_poly.pdbx_strand_id   A,B
#
loop_
_chem_comp.id
_chem_comp.type
_chem_comp.name
_chem_comp.formula
2PE non-polymer 'NONAETHYLENE GLYCOL' 'C18 H38 O10'
A1IYS non-polymer (2S,5R)-N-(2-azanylethoxy)-1-methanoyl-5-(oxidanylamino)piperidine-2-carboxamide 'C9 H18 N4 O4'
CL non-polymer 'CHLORIDE ION' 'Cl -1'
EDO non-polymer 1,2-ETHANEDIOL 'C2 H6 O2'
GOL non-polymer GLYCEROL 'C3 H8 O3'
OP0 non-polymer (2S,5R)-N-(2-aminoethoxy)-1-formyl-5-[(sulfooxy)amino]piperidine-2-carboxamide 'C9 H18 N4 O7 S'
#
# COMPACT_ATOMS: atom_id res chain seq x y z
N GLY A 1 -2.08 32.89 20.64
CA GLY A 1 -1.55 31.61 20.17
C GLY A 1 -2.06 31.22 18.81
N PRO A 2 -1.38 30.28 18.16
CA PRO A 2 -1.82 29.84 16.84
C PRO A 2 -3.16 29.13 16.89
N LYS A 3 -3.80 29.02 15.73
CA LYS A 3 -5.14 28.46 15.64
C LYS A 3 -5.09 27.00 15.23
N GLU A 4 -5.83 26.17 15.95
CA GLU A 4 -5.90 24.76 15.55
C GLU A 4 -6.61 24.61 14.21
N TRP A 5 -7.64 25.44 13.97
CA TRP A 5 -8.46 25.33 12.77
C TRP A 5 -8.49 26.68 12.07
N GLN A 6 -8.25 26.68 10.77
CA GLN A 6 -8.25 27.92 10.00
C GLN A 6 -9.16 27.74 8.79
N GLU A 7 -9.88 28.78 8.44
CA GLU A 7 -10.77 28.75 7.29
C GLU A 7 -10.09 29.42 6.11
N ASN A 8 -10.16 28.76 4.94
CA ASN A 8 -9.58 29.29 3.70
C ASN A 8 -10.70 29.24 2.66
N LYS A 9 -11.41 30.36 2.49
CA LYS A 9 -12.51 30.40 1.54
C LYS A 9 -12.06 30.44 0.09
N SER A 10 -10.78 30.68 -0.19
CA SER A 10 -10.34 30.67 -1.58
C SER A 10 -10.58 29.32 -2.24
N TRP A 11 -10.70 28.24 -1.46
CA TRP A 11 -10.98 26.93 -2.03
C TRP A 11 -12.36 26.86 -2.65
N ASN A 12 -13.28 27.75 -2.25
CA ASN A 12 -14.61 27.74 -2.84
C ASN A 12 -14.55 27.90 -4.36
N ALA A 13 -13.52 28.57 -4.87
CA ALA A 13 -13.36 28.72 -6.30
C ALA A 13 -13.32 27.38 -7.01
N HIS A 14 -12.77 26.35 -6.36
CA HIS A 14 -12.69 25.04 -6.99
C HIS A 14 -14.04 24.36 -7.06
N PHE A 15 -14.96 24.69 -6.14
CA PHE A 15 -16.32 24.17 -6.21
C PHE A 15 -17.17 24.96 -7.20
N THR A 16 -17.11 26.30 -7.12
CA THR A 16 -17.93 27.13 -8.00
C THR A 16 -17.49 26.99 -9.46
N GLU A 17 -16.23 26.62 -9.68
CA GLU A 17 -15.76 26.28 -11.03
C GLU A 17 -16.67 25.25 -11.70
N HIS A 18 -17.21 24.32 -10.92
CA HIS A 18 -18.08 23.26 -11.43
C HIS A 18 -19.53 23.44 -11.03
N LYS A 19 -19.93 24.68 -10.72
CA LYS A 19 -21.29 24.97 -10.28
C LYS A 19 -21.70 24.06 -9.13
N SER A 20 -20.77 23.82 -8.21
N SER A 20 -20.76 23.84 -8.21
CA SER A 20 -21.05 22.95 -7.08
CA SER A 20 -20.91 22.92 -7.09
C SER A 20 -20.79 23.69 -5.77
C SER A 20 -20.68 23.66 -5.77
N GLN A 21 -20.96 22.96 -4.68
CA GLN A 21 -20.82 23.51 -3.34
C GLN A 21 -20.43 22.36 -2.43
N GLY A 22 -19.50 22.62 -1.50
CA GLY A 22 -19.09 21.55 -0.62
C GLY A 22 -18.02 22.01 0.34
N VAL A 23 -17.43 21.04 1.03
CA VAL A 23 -16.39 21.32 2.01
C VAL A 23 -15.22 20.36 1.80
N VAL A 24 -14.01 20.90 1.88
CA VAL A 24 -12.80 20.10 2.04
C VAL A 24 -12.23 20.42 3.41
N VAL A 25 -11.87 19.38 4.16
CA VAL A 25 -11.22 19.52 5.45
C VAL A 25 -9.85 18.84 5.34
N LEU A 26 -8.79 19.57 5.70
CA LEU A 26 -7.45 19.00 5.71
C LEU A 26 -6.90 19.04 7.13
N TRP A 27 -6.10 18.04 7.46
CA TRP A 27 -5.42 18.00 8.76
C TRP A 27 -3.94 17.71 8.54
N ASN A 28 -3.09 18.64 8.95
CA ASN A 28 -1.65 18.49 8.85
C ASN A 28 -1.17 17.79 10.13
N GLU A 29 -0.74 16.54 10.00
CA GLU A 29 -0.45 15.74 11.19
C GLU A 29 0.75 16.29 11.96
N ASN A 30 1.82 16.66 11.25
CA ASN A 30 3.00 17.18 11.93
C ASN A 30 2.69 18.45 12.69
N LYS A 31 1.89 19.33 12.10
CA LYS A 31 1.63 20.62 12.71
C LYS A 31 0.47 20.60 13.68
N GLN A 32 -0.33 19.53 13.68
N GLN A 32 -0.32 19.53 13.68
CA GLN A 32 -1.54 19.45 14.49
CA GLN A 32 -1.53 19.45 14.50
C GLN A 32 -2.45 20.64 14.22
C GLN A 32 -2.44 20.65 14.22
N GLN A 33 -2.64 20.93 12.94
CA GLN A 33 -3.47 22.04 12.50
C GLN A 33 -4.36 21.60 11.36
N GLY A 34 -5.57 22.14 11.34
CA GLY A 34 -6.56 21.82 10.31
C GLY A 34 -6.97 23.04 9.52
N PHE A 35 -7.51 22.81 8.32
CA PHE A 35 -7.82 23.86 7.37
C PHE A 35 -9.08 23.44 6.62
N THR A 36 -9.98 24.38 6.39
CA THR A 36 -11.20 24.05 5.65
C THR A 36 -11.74 25.32 5.00
N ASN A 37 -12.53 25.14 3.94
CA ASN A 37 -13.19 26.29 3.33
C ASN A 37 -14.51 26.64 3.98
N ASN A 38 -15.01 25.81 4.90
CA ASN A 38 -16.36 26.02 5.44
C ASN A 38 -16.40 25.36 6.82
N LEU A 39 -16.12 26.15 7.85
CA LEU A 39 -16.04 25.60 9.20
C LEU A 39 -17.36 24.98 9.62
N LYS A 40 -18.48 25.59 9.30
CA LYS A 40 -19.76 25.02 9.71
C LYS A 40 -20.01 23.68 9.04
N ARG A 41 -19.90 23.63 7.71
CA ARG A 41 -20.20 22.38 7.02
C ARG A 41 -19.20 21.29 7.39
N ALA A 42 -17.96 21.67 7.71
CA ALA A 42 -16.97 20.68 8.15
C ALA A 42 -17.47 19.88 9.34
N ASN A 43 -18.34 20.47 10.16
CA ASN A 43 -18.84 19.84 11.36
C ASN A 43 -20.29 19.38 11.25
N GLN A 44 -20.92 19.50 10.10
CA GLN A 44 -22.26 18.99 9.91
C GLN A 44 -22.25 17.52 9.54
N ALA A 45 -23.25 16.80 10.01
CA ALA A 45 -23.24 15.35 9.88
C ALA A 45 -24.10 14.88 8.70
N PHE A 46 -23.58 13.92 7.95
CA PHE A 46 -24.22 13.38 6.77
C PHE A 46 -24.17 11.86 6.83
N LEU A 47 -25.03 11.21 6.04
CA LEU A 47 -24.89 9.77 5.86
C LEU A 47 -23.51 9.44 5.31
N PRO A 48 -22.84 8.42 5.82
CA PRO A 48 -21.51 8.08 5.31
C PRO A 48 -21.52 7.37 3.97
N ALA A 49 -22.64 6.75 3.60
CA ALA A 49 -22.70 5.97 2.36
C ALA A 49 -21.51 5.02 2.28
N SER A 50 -20.88 4.92 1.12
CA SER A 50 -19.83 3.91 0.91
C SER A 50 -18.56 4.20 1.70
N THR A 51 -18.39 5.39 2.29
CA THR A 51 -17.27 5.53 3.21
C THR A 51 -17.41 4.63 4.43
N PHE A 52 -18.63 4.13 4.70
CA PHE A 52 -18.81 3.17 5.78
C PHE A 52 -18.12 1.84 5.50
N KCX A 53 -17.59 1.64 4.19
CA KCX A 53 -16.98 0.31 4.08
CB KCX A 53 -16.77 -0.04 2.60
CG KCX A 53 -18.07 -0.26 1.85
CD KCX A 53 -17.84 -0.46 0.36
CE KCX A 53 -19.13 -0.84 -0.33
NZ KCX A 53 -20.16 0.24 -0.26
C KCX A 53 -15.67 0.21 4.84
O KCX A 53 -15.39 -0.85 5.41
CX KCX A 53 -21.16 0.20 0.62
OQ1 KCX A 53 -21.26 -0.75 1.42
OQ2 KCX A 53 -21.99 1.12 0.65
N LYS A 53 -17.70 1.60 4.26
CA LYS A 53 -16.91 0.39 3.97
C LYS A 53 -15.62 0.32 4.80
N ILE A 54 -15.12 1.44 5.29
CA ILE A 54 -13.92 1.40 6.14
C ILE A 54 -14.24 0.77 7.49
N PRO A 55 -15.15 1.31 8.31
CA PRO A 55 -15.47 0.60 9.56
C PRO A 55 -16.07 -0.78 9.36
N ASN A 56 -16.93 -0.95 8.34
CA ASN A 56 -17.51 -2.27 8.08
C ASN A 56 -16.41 -3.31 7.82
N SER A 57 -15.41 -2.96 7.02
CA SER A 57 -14.28 -3.87 6.77
C SER A 57 -13.54 -4.20 8.06
N LEU A 58 -13.27 -3.18 8.88
CA LEU A 58 -12.53 -3.42 10.12
C LEU A 58 -13.29 -4.38 11.03
N ILE A 59 -14.60 -4.17 11.16
CA ILE A 59 -15.40 -5.02 12.02
C ILE A 59 -15.47 -6.43 11.46
N ALA A 60 -15.72 -6.56 10.15
CA ALA A 60 -15.81 -7.90 9.55
C ALA A 60 -14.51 -8.68 9.76
N LEU A 61 -13.36 -8.02 9.60
CA LEU A 61 -12.08 -8.68 9.82
C LEU A 61 -11.87 -9.03 11.29
N ASP A 62 -12.15 -8.09 12.19
CA ASP A 62 -11.87 -8.34 13.59
C ASP A 62 -12.73 -9.46 14.14
N LEU A 63 -13.95 -9.62 13.63
CA LEU A 63 -14.85 -10.68 14.08
C LEU A 63 -14.62 -11.99 13.33
N GLY A 64 -13.80 -12.00 12.28
CA GLY A 64 -13.59 -13.21 11.53
C GLY A 64 -14.64 -13.51 10.49
N VAL A 65 -15.56 -12.58 10.24
CA VAL A 65 -16.48 -12.72 9.11
C VAL A 65 -15.71 -12.77 7.81
N VAL A 66 -14.66 -11.95 7.71
CA VAL A 66 -13.69 -12.00 6.62
C VAL A 66 -12.38 -12.50 7.22
N LYS A 67 -11.85 -13.59 6.66
CA LYS A 67 -10.64 -14.17 7.20
C LYS A 67 -9.39 -13.39 6.85
N ASP A 68 -9.30 -12.92 5.60
CA ASP A 68 -8.15 -12.13 5.15
C ASP A 68 -8.54 -11.46 3.84
N GLU A 69 -7.60 -10.73 3.26
CA GLU A 69 -7.89 -9.95 2.07
C GLU A 69 -7.95 -10.80 0.80
N HIS A 70 -7.72 -12.11 0.92
CA HIS A 70 -7.76 -13.01 -0.23
C HIS A 70 -9.03 -13.83 -0.31
N GLN A 71 -9.80 -13.90 0.78
CA GLN A 71 -11.01 -14.70 0.78
C GLN A 71 -11.95 -14.22 -0.32
N VAL A 72 -12.52 -15.16 -1.05
CA VAL A 72 -13.35 -14.83 -2.20
C VAL A 72 -14.81 -14.82 -1.78
N PHE A 73 -15.49 -13.74 -2.14
CA PHE A 73 -16.94 -13.60 -1.97
C PHE A 73 -17.54 -13.79 -3.36
N LYS A 74 -18.18 -14.93 -3.57
CA LYS A 74 -18.66 -15.26 -4.90
C LYS A 74 -19.86 -14.41 -5.27
N TRP A 75 -19.93 -14.03 -6.55
CA TRP A 75 -21.07 -13.30 -7.07
C TRP A 75 -22.34 -14.13 -6.87
N ASP A 76 -23.41 -13.48 -6.42
CA ASP A 76 -24.66 -14.19 -6.20
C ASP A 76 -25.43 -14.50 -7.49
N GLY A 77 -24.95 -14.05 -8.65
CA GLY A 77 -25.60 -14.31 -9.90
C GLY A 77 -26.66 -13.31 -10.31
N GLN A 78 -26.90 -12.27 -9.52
CA GLN A 78 -27.86 -11.24 -9.87
C GLN A 78 -27.12 -10.16 -10.65
N THR A 79 -27.55 -9.90 -11.88
CA THR A 79 -26.89 -8.89 -12.70
C THR A 79 -27.31 -7.50 -12.24
N ARG A 80 -26.37 -6.73 -11.73
CA ARG A 80 -26.63 -5.39 -11.24
C ARG A 80 -26.12 -4.34 -12.22
N ASP A 81 -26.52 -3.09 -11.99
CA ASP A 81 -26.26 -2.01 -12.93
C ASP A 81 -24.78 -1.72 -13.09
N ILE A 82 -23.99 -1.91 -12.05
CA ILE A 82 -22.56 -1.64 -12.09
C ILE A 82 -21.85 -2.92 -12.49
N ALA A 83 -21.26 -2.92 -13.70
CA ALA A 83 -20.77 -4.16 -14.29
C ALA A 83 -19.69 -4.81 -13.46
N THR A 84 -18.82 -4.01 -12.82
CA THR A 84 -17.75 -4.60 -12.02
C THR A 84 -18.25 -5.33 -10.79
N TRP A 85 -19.52 -5.17 -10.42
CA TRP A 85 -20.08 -5.91 -9.30
C TRP A 85 -20.49 -7.33 -9.68
N ASN A 86 -20.60 -7.62 -10.97
CA ASN A 86 -21.16 -8.90 -11.43
C ASN A 86 -20.08 -9.96 -11.60
N ARG A 87 -19.29 -10.15 -10.54
CA ARG A 87 -18.16 -11.07 -10.55
C ARG A 87 -17.76 -11.36 -9.11
N ASP A 88 -16.88 -12.35 -8.95
CA ASP A 88 -16.33 -12.66 -7.64
C ASP A 88 -15.40 -11.55 -7.19
N HIS A 89 -15.31 -11.35 -5.87
CA HIS A 89 -14.50 -10.29 -5.30
C HIS A 89 -13.77 -10.79 -4.07
N ASN A 90 -12.72 -10.08 -3.71
CA ASN A 90 -12.12 -10.21 -2.39
C ASN A 90 -12.20 -8.84 -1.73
N LEU A 91 -11.61 -8.71 -0.54
CA LEU A 91 -11.71 -7.45 0.18
C LEU A 91 -11.09 -6.30 -0.61
N ILE A 92 -9.95 -6.54 -1.25
CA ILE A 92 -9.27 -5.50 -2.01
C ILE A 92 -10.17 -5.00 -3.14
N THR A 93 -10.68 -5.92 -3.96
CA THR A 93 -11.49 -5.49 -5.09
C THR A 93 -12.88 -5.03 -4.68
N ALA A 94 -13.41 -5.57 -3.58
CA ALA A 94 -14.72 -5.10 -3.14
C ALA A 94 -14.66 -3.66 -2.66
N MET A 95 -13.55 -3.26 -2.01
N MET A 95 -13.54 -3.24 -2.04
CA MET A 95 -13.32 -1.87 -1.68
CA MET A 95 -13.41 -1.83 -1.69
C MET A 95 -13.13 -1.03 -2.94
C MET A 95 -13.09 -0.98 -2.93
N LYS A 96 -12.24 -1.50 -3.82
CA LYS A 96 -11.88 -0.73 -5.01
C LYS A 96 -13.10 -0.41 -5.88
N TYR A 97 -13.98 -1.40 -6.08
CA TYR A 97 -15.18 -1.20 -6.89
C TYR A 97 -16.42 -0.89 -6.05
N SER A 98 -16.25 -0.75 -4.74
CA SER A 98 -17.30 -0.31 -3.84
C SER A 98 -18.54 -1.21 -3.97
N VAL A 99 -18.29 -2.51 -3.79
CA VAL A 99 -19.26 -3.54 -4.14
C VAL A 99 -20.28 -3.70 -3.01
N VAL A 100 -21.40 -2.99 -3.16
CA VAL A 100 -22.44 -2.97 -2.12
C VAL A 100 -22.90 -4.37 -1.67
N PRO A 101 -23.27 -5.29 -2.57
CA PRO A 101 -23.83 -6.55 -2.08
C PRO A 101 -22.87 -7.34 -1.22
N VAL A 102 -21.56 -7.21 -1.45
CA VAL A 102 -20.60 -7.90 -0.61
C VAL A 102 -20.65 -7.34 0.80
N TYR A 103 -20.69 -6.02 0.91
CA TYR A 103 -20.70 -5.37 2.22
C TYR A 103 -22.03 -5.53 2.94
N GLN A 104 -23.14 -5.66 2.20
CA GLN A 104 -24.41 -5.97 2.85
C GLN A 104 -24.36 -7.32 3.50
N GLU A 105 -23.71 -8.29 2.85
CA GLU A 105 -23.55 -9.61 3.45
C GLU A 105 -22.69 -9.54 4.70
N PHE A 106 -21.58 -8.79 4.67
CA PHE A 106 -20.78 -8.62 5.89
C PHE A 106 -21.65 -8.09 7.02
N ALA A 107 -22.46 -7.06 6.75
CA ALA A 107 -23.25 -6.42 7.80
C ALA A 107 -24.27 -7.40 8.37
N ARG A 108 -24.89 -8.21 7.52
CA ARG A 108 -25.84 -9.20 8.04
C ARG A 108 -25.14 -10.21 8.95
N GLN A 109 -23.93 -10.62 8.59
N GLN A 109 -23.93 -10.63 8.59
CA GLN A 109 -23.19 -11.57 9.41
CA GLN A 109 -23.21 -11.59 9.42
C GLN A 109 -22.75 -10.95 10.72
C GLN A 109 -22.73 -10.96 10.73
N ILE A 110 -22.31 -9.69 10.67
CA ILE A 110 -21.94 -8.98 11.90
C ILE A 110 -23.14 -8.88 12.84
N GLY A 111 -24.27 -8.45 12.30
CA GLY A 111 -25.50 -8.33 13.05
C GLY A 111 -25.59 -7.02 13.81
N GLU A 112 -26.81 -6.69 14.23
CA GLU A 112 -27.08 -5.39 14.84
C GLU A 112 -26.32 -5.20 16.14
N ALA A 113 -26.34 -6.19 17.03
CA ALA A 113 -25.74 -6.00 18.35
C ALA A 113 -24.25 -5.74 18.25
N ARG A 114 -23.55 -6.52 17.44
N ARG A 114 -23.55 -6.55 17.45
CA ARG A 114 -22.11 -6.33 17.35
CA ARG A 114 -22.11 -6.37 17.30
C ARG A 114 -21.74 -5.10 16.53
C ARG A 114 -21.79 -5.06 16.59
N MET A 115 -22.54 -4.75 15.53
CA MET A 115 -22.28 -3.54 14.76
C MET A 115 -22.39 -2.31 15.65
N SER A 116 -23.44 -2.25 16.47
CA SER A 116 -23.64 -1.10 17.37
C SER A 116 -22.52 -1.03 18.39
N LYS A 117 -22.15 -2.17 18.99
CA LYS A 117 -21.09 -2.17 19.99
C LYS A 117 -19.78 -1.69 19.40
N MET A 118 -19.48 -2.12 18.17
N MET A 118 -19.48 -2.08 18.17
CA MET A 118 -18.22 -1.73 17.53
CA MET A 118 -18.19 -1.71 17.58
C MET A 118 -18.20 -0.24 17.19
C MET A 118 -18.17 -0.24 17.15
N LEU A 119 -19.30 0.29 16.66
CA LEU A 119 -19.32 1.72 16.34
C LEU A 119 -19.21 2.58 17.59
N HIS A 120 -19.79 2.13 18.70
CA HIS A 120 -19.60 2.81 19.98
C HIS A 120 -18.12 2.79 20.37
N ALA A 121 -17.49 1.62 20.25
CA ALA A 121 -16.07 1.52 20.60
C ALA A 121 -15.20 2.37 19.69
N PHE A 122 -15.59 2.54 18.43
CA PHE A 122 -14.86 3.37 17.48
C PHE A 122 -15.13 4.86 17.65
N ASP A 123 -16.09 5.24 18.49
N ASP A 123 -16.11 5.24 18.46
CA ASP A 123 -16.55 6.63 18.56
CA ASP A 123 -16.53 6.63 18.57
C ASP A 123 -16.91 7.16 17.17
C ASP A 123 -16.94 7.17 17.19
N TYR A 124 -17.59 6.32 16.38
CA TYR A 124 -17.79 6.62 14.96
C TYR A 124 -19.06 7.44 14.76
N GLY A 125 -18.87 8.71 14.40
CA GLY A 125 -20.02 9.57 14.13
C GLY A 125 -21.00 9.59 15.29
N ASN A 126 -22.29 9.53 14.97
CA ASN A 126 -23.30 9.53 16.01
C ASN A 126 -23.56 8.14 16.59
N GLU A 127 -22.84 7.13 16.12
CA GLU A 127 -22.85 5.77 16.68
C GLU A 127 -24.22 5.09 16.56
N ASP A 128 -25.10 5.57 15.69
CA ASP A 128 -26.51 5.18 15.66
C ASP A 128 -26.73 4.30 14.43
N ILE A 129 -27.08 3.04 14.63
CA ILE A 129 -27.29 2.12 13.50
C ILE A 129 -28.77 1.95 13.16
N SER A 130 -29.64 2.86 13.63
N SER A 130 -29.63 2.86 13.62
CA SER A 130 -31.06 2.70 13.40
CA SER A 130 -31.07 2.69 13.40
C SER A 130 -31.35 2.55 11.91
C SER A 130 -31.38 2.58 11.92
N GLY A 131 -32.30 1.67 11.59
CA GLY A 131 -32.59 1.34 10.21
C GLY A 131 -32.23 -0.11 9.93
N ASN A 132 -32.01 -0.44 8.66
CA ASN A 132 -31.77 -1.83 8.30
C ASN A 132 -30.32 -2.20 8.54
N VAL A 133 -30.10 -3.41 9.08
CA VAL A 133 -28.74 -3.80 9.44
C VAL A 133 -27.83 -3.74 8.22
N ASP A 134 -28.38 -3.93 7.02
CA ASP A 134 -27.59 -3.98 5.80
C ASP A 134 -27.78 -2.75 4.91
N SER A 135 -28.33 -1.67 5.44
CA SER A 135 -28.38 -0.44 4.65
C SER A 135 -28.37 0.83 5.48
N PHE A 136 -28.13 0.78 6.79
CA PHE A 136 -28.31 1.98 7.61
C PHE A 136 -27.34 3.10 7.25
N TRP A 137 -26.18 2.76 6.68
CA TRP A 137 -25.23 3.78 6.26
C TRP A 137 -25.64 4.50 4.99
N LEU A 138 -26.65 4.00 4.28
N LEU A 138 -26.66 4.00 4.30
CA LEU A 138 -27.17 4.67 3.10
CA LEU A 138 -27.18 4.62 3.08
C LEU A 138 -28.53 5.32 3.34
C LEU A 138 -28.57 5.21 3.23
N ASP A 139 -29.37 4.72 4.19
CA ASP A 139 -30.72 5.25 4.34
C ASP A 139 -31.25 5.12 5.76
N GLY A 140 -30.37 4.96 6.75
CA GLY A 140 -30.77 4.84 8.13
C GLY A 140 -30.31 6.02 8.97
N GLY A 141 -30.00 5.78 10.24
CA GLY A 141 -29.81 6.86 11.18
C GLY A 141 -28.39 7.29 11.44
N ILE A 142 -27.39 6.58 10.90
N ILE A 142 -27.40 6.61 10.88
CA ILE A 142 -26.00 6.93 11.18
CA ILE A 142 -26.01 6.93 11.19
C ILE A 142 -25.64 8.22 10.46
C ILE A 142 -25.61 8.20 10.44
N ARG A 143 -24.83 9.05 11.11
CA ARG A 143 -24.40 10.31 10.55
C ARG A 143 -22.97 10.56 11.00
N ILE A 144 -22.19 11.19 10.13
CA ILE A 144 -20.81 11.53 10.49
C ILE A 144 -20.43 12.81 9.76
N SER A 145 -19.64 13.66 10.42
CA SER A 145 -19.18 14.88 9.80
C SER A 145 -17.79 14.67 9.20
N ALA A 146 -17.37 15.63 8.38
CA ALA A 146 -16.03 15.56 7.81
C ALA A 146 -14.95 15.58 8.89
N THR A 147 -15.11 16.42 9.92
CA THR A 147 -14.11 16.44 10.98
C THR A 147 -14.11 15.12 11.76
N GLU A 148 -15.29 14.51 11.96
CA GLU A 148 -15.36 13.19 12.60
C GLU A 148 -14.76 12.09 11.72
N GLN A 149 -14.88 12.19 10.40
CA GLN A 149 -14.16 11.26 9.54
C GLN A 149 -12.66 11.36 9.77
N ILE A 150 -12.15 12.59 9.85
CA ILE A 150 -10.71 12.78 10.09
C ILE A 150 -10.29 12.17 11.42
N SER A 151 -11.08 12.38 12.47
N SER A 151 -11.08 12.41 12.48
CA SER A 151 -10.72 11.83 13.78
CA SER A 151 -10.79 11.84 13.78
C SER A 151 -10.67 10.31 13.73
C SER A 151 -10.66 10.33 13.69
N PHE A 152 -11.64 9.68 13.05
CA PHE A 152 -11.64 8.23 12.90
C PHE A 152 -10.44 7.77 12.09
N LEU A 153 -10.16 8.45 10.98
CA LEU A 153 -9.04 8.06 10.12
C LEU A 153 -7.70 8.22 10.81
N ARG A 154 -7.53 9.27 11.62
CA ARG A 154 -6.30 9.42 12.38
C ARG A 154 -6.09 8.24 13.32
N LYS A 155 -7.15 7.78 13.99
CA LYS A 155 -7.02 6.60 14.84
C LYS A 155 -6.59 5.39 14.02
N LEU A 156 -7.21 5.22 12.84
CA LEU A 156 -6.86 4.07 12.00
C LEU A 156 -5.40 4.15 11.56
N TYR A 157 -4.96 5.33 11.12
CA TYR A 157 -3.57 5.51 10.71
C TYR A 157 -2.60 5.10 11.82
N HIS A 158 -2.92 5.45 13.06
CA HIS A 158 -2.04 5.19 14.20
C HIS A 158 -2.31 3.85 14.88
N ASN A 159 -3.16 3.01 14.29
CA ASN A 159 -3.52 1.70 14.87
C ASN A 159 -4.16 1.83 16.24
N LYS A 160 -4.91 2.91 16.45
CA LYS A 160 -5.48 3.19 17.76
C LYS A 160 -6.93 2.76 17.90
N LEU A 161 -7.55 2.29 16.84
CA LEU A 161 -8.91 1.80 16.99
C LEU A 161 -8.92 0.51 17.82
N HIS A 162 -10.05 0.20 18.43
N HIS A 162 -10.09 0.25 18.39
CA HIS A 162 -9.99 -0.88 19.41
CA HIS A 162 -10.41 -0.88 19.27
C HIS A 162 -9.71 -2.25 18.81
C HIS A 162 -10.71 -2.15 18.50
N VAL A 163 -9.90 -2.43 17.49
CA VAL A 163 -9.80 -3.72 16.83
C VAL A 163 -8.32 -4.05 16.72
N SER A 164 -8.01 -5.25 16.27
CA SER A 164 -6.62 -5.67 16.25
C SER A 164 -5.80 -4.79 15.31
N GLU A 165 -4.50 -4.69 15.60
CA GLU A 165 -3.60 -4.03 14.66
C GLU A 165 -3.66 -4.67 13.29
N ARG A 166 -3.77 -6.00 13.25
CA ARG A 166 -3.85 -6.71 11.97
C ARG A 166 -5.03 -6.22 11.14
N SER A 167 -6.23 -6.13 11.74
N SER A 167 -6.22 -6.11 11.74
CA SER A 167 -7.39 -5.66 10.99
CA SER A 167 -7.38 -5.67 10.96
C SER A 167 -7.15 -4.28 10.43
C SER A 167 -7.21 -4.25 10.46
N GLN A 168 -6.54 -3.40 11.23
CA GLN A 168 -6.27 -2.03 10.78
C GLN A 168 -5.28 -2.02 9.63
N ARG A 169 -4.23 -2.85 9.70
CA ARG A 169 -3.27 -2.89 8.60
C ARG A 169 -3.92 -3.41 7.32
N ILE A 170 -4.77 -4.43 7.43
CA ILE A 170 -5.41 -4.96 6.22
C ILE A 170 -6.30 -3.89 5.58
N VAL A 171 -7.07 -3.18 6.39
CA VAL A 171 -7.96 -2.17 5.82
C VAL A 171 -7.17 -1.02 5.19
N LYS A 172 -6.08 -0.60 5.82
CA LYS A 172 -5.26 0.45 5.22
C LYS A 172 -4.67 -0.01 3.89
N GLN A 173 -4.30 -1.30 3.79
CA GLN A 173 -3.89 -1.84 2.51
C GLN A 173 -5.04 -1.73 1.49
N ALA A 174 -6.25 -2.14 1.91
CA ALA A 174 -7.38 -2.14 0.99
C ALA A 174 -7.79 -0.73 0.56
N MET A 175 -7.44 0.30 1.35
CA MET A 175 -7.75 1.68 0.99
C MET A 175 -6.79 2.26 -0.04
N LEU A 176 -5.72 1.55 -0.37
CA LEU A 176 -4.74 2.11 -1.29
C LEU A 176 -5.42 2.49 -2.60
N THR A 177 -5.24 3.74 -2.99
CA THR A 177 -5.85 4.29 -4.19
C THR A 177 -4.85 4.70 -5.24
N GLU A 178 -3.76 5.35 -4.83
CA GLU A 178 -2.77 5.85 -5.78
C GLU A 178 -1.43 5.94 -5.06
N ALA A 179 -0.36 5.66 -5.79
CA ALA A 179 0.97 5.83 -5.23
C ALA A 179 1.97 6.11 -6.33
N ASN A 180 2.90 6.99 -6.05
CA ASN A 180 4.02 7.27 -6.94
C ASN A 180 5.17 7.80 -6.08
N GLY A 181 6.20 8.32 -6.74
CA GLY A 181 7.36 8.80 -6.00
C GLY A 181 7.11 10.07 -5.21
N ASP A 182 5.95 10.71 -5.39
CA ASP A 182 5.64 11.95 -4.68
C ASP A 182 4.68 11.76 -3.52
N TYR A 183 3.78 10.78 -3.58
CA TYR A 183 2.79 10.65 -2.52
C TYR A 183 2.11 9.29 -2.62
N ILE A 184 1.41 8.93 -1.54
CA ILE A 184 0.56 7.75 -1.48
C ILE A 184 -0.80 8.24 -0.97
N ILE A 185 -1.87 7.86 -1.66
CA ILE A 185 -3.22 8.17 -1.20
C ILE A 185 -3.92 6.88 -0.78
N ARG A 186 -4.43 6.87 0.45
CA ARG A 186 -5.33 5.81 0.92
C ARG A 186 -6.65 6.50 1.20
N ALA A 187 -7.73 6.02 0.59
CA ALA A 187 -8.97 6.79 0.65
C ALA A 187 -10.15 5.90 0.29
N LYS A 188 -11.34 6.44 0.49
CA LYS A 188 -12.60 5.79 0.09
C LYS A 188 -13.62 6.84 -0.32
N THR A 189 -14.30 6.60 -1.43
CA THR A 189 -15.36 7.45 -1.93
C THR A 189 -16.72 7.01 -1.37
N GLY A 190 -17.69 7.90 -1.45
CA GLY A 190 -19.07 7.53 -1.15
C GLY A 190 -20.04 8.47 -1.84
N TYR A 191 -21.28 8.01 -1.96
CA TYR A 191 -22.34 8.79 -2.61
C TYR A 191 -23.68 8.30 -2.10
N ASP A 192 -24.48 9.18 -1.51
CA ASP A 192 -25.77 8.80 -0.94
C ASP A 192 -26.97 9.24 -1.78
N THR A 193 -26.74 9.63 -3.03
CA THR A 193 -27.67 10.19 -4.01
C THR A 193 -27.88 11.70 -3.85
N LYS A 194 -27.35 12.33 -2.80
CA LYS A 194 -27.47 13.77 -2.62
C LYS A 194 -26.10 14.39 -2.37
N ILE A 195 -25.24 13.65 -1.69
CA ILE A 195 -23.94 14.12 -1.24
C ILE A 195 -22.90 13.12 -1.71
N GLY A 196 -21.75 13.62 -2.17
CA GLY A 196 -20.61 12.77 -2.49
C GLY A 196 -19.50 13.02 -1.48
N TRP A 197 -18.78 11.95 -1.14
CA TRP A 197 -17.68 12.02 -0.18
C TRP A 197 -16.37 11.53 -0.82
N TRP A 198 -15.26 12.06 -0.33
CA TRP A 198 -13.97 11.37 -0.48
C TRP A 198 -13.22 11.61 0.82
N VAL A 199 -12.79 10.54 1.49
CA VAL A 199 -12.10 10.66 2.77
C VAL A 199 -10.86 9.79 2.75
N GLY A 200 -9.80 10.24 3.42
CA GLY A 200 -8.60 9.43 3.42
C GLY A 200 -7.41 10.25 3.88
N TRP A 201 -6.24 9.90 3.34
CA TRP A 201 -5.06 10.69 3.66
C TRP A 201 -4.03 10.57 2.54
N VAL A 202 -3.10 11.54 2.56
CA VAL A 202 -1.97 11.61 1.65
C VAL A 202 -0.71 11.44 2.48
N GLU A 203 0.05 10.37 2.21
CA GLU A 203 1.31 10.13 2.90
C GLU A 203 2.43 10.76 2.08
N LEU A 204 3.19 11.66 2.70
CA LEU A 204 4.41 12.21 2.14
C LEU A 204 5.61 11.60 2.86
N ASP A 205 6.81 11.95 2.40
CA ASP A 205 8.02 11.43 3.03
C ASP A 205 8.08 11.74 4.52
N ASP A 206 7.71 12.96 4.91
CA ASP A 206 7.93 13.39 6.29
C ASP A 206 6.66 13.95 6.94
N ASN A 207 5.49 13.67 6.38
CA ASN A 207 4.25 14.18 6.95
C ASN A 207 3.12 13.35 6.37
N VAL A 208 1.95 13.48 6.98
N VAL A 208 1.96 13.50 7.00
CA VAL A 208 0.72 12.92 6.42
CA VAL A 208 0.70 12.96 6.52
C VAL A 208 -0.38 13.96 6.56
C VAL A 208 -0.32 14.07 6.53
N TRP A 209 -1.13 14.15 5.48
CA TRP A 209 -2.26 15.07 5.43
C TRP A 209 -3.53 14.25 5.37
N PHE A 210 -4.37 14.36 6.39
CA PHE A 210 -5.67 13.71 6.35
C PHE A 210 -6.65 14.63 5.62
N PHE A 211 -7.61 14.02 4.92
CA PHE A 211 -8.62 14.82 4.25
C PHE A 211 -9.99 14.18 4.36
N ALA A 212 -11.00 15.04 4.37
CA ALA A 212 -12.38 14.57 4.25
C ALA A 212 -13.12 15.65 3.51
N MET A 213 -13.77 15.27 2.40
CA MET A 213 -14.53 16.24 1.63
C MET A 213 -15.92 15.69 1.38
N ASN A 214 -16.90 16.57 1.40
CA ASN A 214 -18.20 16.20 0.87
C ASN A 214 -18.74 17.35 0.05
N MET A 215 -19.62 17.02 -0.88
CA MET A 215 -20.13 18.04 -1.78
C MET A 215 -21.52 17.67 -2.24
N ASP A 216 -22.30 18.68 -2.58
CA ASP A 216 -23.61 18.45 -3.17
C ASP A 216 -23.43 17.74 -4.50
N MET A 217 -24.18 16.66 -4.69
CA MET A 217 -23.99 15.78 -5.85
C MET A 217 -25.34 15.26 -6.31
N PRO A 218 -26.05 16.03 -7.13
CA PRO A 218 -27.39 15.59 -7.55
C PRO A 218 -27.40 14.43 -8.55
N THR A 219 -26.32 14.19 -9.30
CA THR A 219 -26.28 13.03 -10.21
C THR A 219 -24.91 12.38 -10.13
N SER A 220 -24.88 11.11 -10.57
CA SER A 220 -23.62 10.38 -10.62
C SER A 220 -22.70 10.88 -11.73
N ASP A 221 -23.21 11.69 -12.66
CA ASP A 221 -22.37 12.21 -13.75
C ASP A 221 -21.17 12.99 -13.22
N GLY A 222 -21.31 13.65 -12.08
CA GLY A 222 -20.23 14.47 -11.56
C GLY A 222 -19.38 13.81 -10.48
N LEU A 223 -19.46 12.49 -10.35
CA LEU A 223 -18.78 11.82 -9.23
C LEU A 223 -17.27 12.01 -9.27
N GLY A 224 -16.68 12.12 -10.48
CA GLY A 224 -15.24 12.36 -10.55
C GLY A 224 -14.80 13.69 -9.99
N LEU A 225 -15.73 14.63 -9.78
CA LEU A 225 -15.38 15.88 -9.13
C LEU A 225 -14.95 15.70 -7.69
N ARG A 226 -15.36 14.61 -7.04
CA ARG A 226 -14.92 14.37 -5.66
C ARG A 226 -13.41 14.37 -5.58
N GLN A 227 -12.76 13.55 -6.41
CA GLN A 227 -11.30 13.51 -6.41
C GLN A 227 -10.71 14.74 -7.07
N ALA A 228 -11.33 15.23 -8.15
CA ALA A 228 -10.75 16.34 -8.91
C ALA A 228 -10.67 17.60 -8.05
N ILE A 229 -11.76 17.93 -7.34
CA ILE A 229 -11.77 19.13 -6.51
C ILE A 229 -10.80 18.98 -5.34
N THR A 230 -10.81 17.82 -4.68
CA THR A 230 -9.86 17.60 -3.58
C THR A 230 -8.43 17.77 -4.07
N LYS A 231 -8.11 17.20 -5.23
CA LYS A 231 -6.75 17.34 -5.75
C LYS A 231 -6.41 18.78 -6.11
N GLU A 232 -7.39 19.57 -6.55
CA GLU A 232 -7.10 20.99 -6.80
C GLU A 232 -6.74 21.70 -5.50
N VAL A 233 -7.40 21.34 -4.40
CA VAL A 233 -7.05 21.91 -3.10
C VAL A 233 -5.67 21.44 -2.67
N LEU A 234 -5.38 20.15 -2.83
CA LEU A 234 -4.07 19.63 -2.47
C LEU A 234 -2.97 20.30 -3.29
N LYS A 235 -3.23 20.55 -4.58
CA LYS A 235 -2.25 21.25 -5.40
C LYS A 235 -2.07 22.70 -4.97
N GLN A 236 -3.17 23.38 -4.64
CA GLN A 236 -3.07 24.76 -4.19
C GLN A 236 -2.24 24.86 -2.92
N GLU A 237 -2.41 23.91 -2.01
CA GLU A 237 -1.69 23.91 -0.74
C GLU A 237 -0.30 23.30 -0.85
N LYS A 238 0.14 22.95 -2.05
CA LYS A 238 1.49 22.43 -2.32
C LYS A 238 1.74 21.07 -1.69
N ILE A 239 0.66 20.32 -1.41
CA ILE A 239 0.80 18.99 -0.83
C ILE A 239 1.19 17.97 -1.90
N ILE A 240 0.58 18.05 -3.07
CA ILE A 240 0.98 17.24 -4.22
C ILE A 240 1.39 18.18 -5.34
N PRO A 241 2.24 17.74 -6.27
CA PRO A 241 2.75 18.63 -7.33
C PRO A 241 1.72 18.92 -8.42
N GLY B 1 3.42 -32.20 -21.99
CA GLY B 1 2.61 -31.15 -21.42
C GLY B 1 3.41 -29.90 -21.11
N PRO B 2 2.74 -28.87 -20.58
CA PRO B 2 3.42 -27.59 -20.38
C PRO B 2 4.51 -27.65 -19.32
N LYS B 3 5.47 -26.75 -19.44
CA LYS B 3 6.64 -26.70 -18.57
C LYS B 3 6.47 -25.59 -17.53
N GLU B 4 7.10 -25.80 -16.37
CA GLU B 4 7.05 -24.80 -15.31
C GLU B 4 7.67 -23.49 -15.77
N TRP B 5 8.74 -23.56 -16.56
CA TRP B 5 9.43 -22.38 -17.08
C TRP B 5 9.48 -22.42 -18.60
N GLN B 6 9.06 -21.33 -19.23
CA GLN B 6 9.13 -21.16 -20.67
C GLN B 6 10.07 -20.02 -21.01
N GLU B 7 10.90 -20.22 -22.02
CA GLU B 7 11.84 -19.19 -22.47
C GLU B 7 11.19 -18.39 -23.60
N ASN B 8 11.14 -17.07 -23.44
CA ASN B 8 10.58 -16.16 -24.43
C ASN B 8 11.71 -15.20 -24.84
N LYS B 9 12.45 -15.58 -25.88
CA LYS B 9 13.61 -14.78 -26.26
C LYS B 9 13.24 -13.48 -26.97
N SER B 10 11.96 -13.26 -27.29
CA SER B 10 11.59 -11.99 -27.92
C SER B 10 11.82 -10.81 -26.98
N TRP B 11 11.86 -11.05 -25.67
CA TRP B 11 12.14 -9.98 -24.73
C TRP B 11 13.55 -9.44 -24.89
N ASN B 12 14.46 -10.19 -25.52
CA ASN B 12 15.81 -9.70 -25.73
C ASN B 12 15.83 -8.38 -26.50
N ALA B 13 14.83 -8.17 -27.36
CA ALA B 13 14.75 -6.92 -28.10
C ALA B 13 14.67 -5.72 -27.18
N HIS B 14 14.10 -5.89 -25.99
CA HIS B 14 14.01 -4.78 -25.05
C HIS B 14 15.36 -4.47 -24.42
N PHE B 15 16.23 -5.47 -24.28
CA PHE B 15 17.59 -5.22 -23.82
C PHE B 15 18.47 -4.67 -24.93
N THR B 16 18.36 -5.23 -26.14
CA THR B 16 19.22 -4.79 -27.23
C THR B 16 18.85 -3.40 -27.73
N GLU B 17 17.59 -3.00 -27.60
CA GLU B 17 17.20 -1.63 -27.95
C GLU B 17 17.99 -0.61 -27.13
N HIS B 18 18.37 -0.96 -25.91
CA HIS B 18 19.19 -0.10 -25.06
C HIS B 18 20.64 -0.54 -25.01
N LYS B 19 21.08 -1.37 -25.96
CA LYS B 19 22.43 -1.92 -25.98
C LYS B 19 22.79 -2.53 -24.63
N SER B 20 21.86 -3.30 -24.09
CA SER B 20 21.97 -3.88 -22.76
C SER B 20 21.91 -5.40 -22.83
N GLN B 21 22.34 -6.04 -21.75
CA GLN B 21 22.26 -7.49 -21.56
C GLN B 21 21.66 -7.74 -20.19
N GLY B 22 20.76 -8.72 -20.11
CA GLY B 22 20.20 -9.06 -18.81
C GLY B 22 19.09 -10.08 -18.92
N VAL B 23 18.36 -10.22 -17.82
CA VAL B 23 17.31 -11.22 -17.72
C VAL B 23 16.10 -10.60 -17.03
N VAL B 24 14.93 -10.90 -17.54
CA VAL B 24 13.67 -10.67 -16.84
C VAL B 24 13.04 -12.04 -16.60
N VAL B 25 12.56 -12.24 -15.38
CA VAL B 25 11.87 -13.46 -14.98
C VAL B 25 10.49 -13.05 -14.46
N LEU B 26 9.45 -13.68 -15.00
CA LEU B 26 8.09 -13.44 -14.54
C LEU B 26 7.50 -14.74 -14.02
N TRP B 27 6.64 -14.65 -13.02
CA TRP B 27 5.91 -15.80 -12.50
C TRP B 27 4.43 -15.44 -12.41
N ASN B 28 3.60 -16.17 -13.16
CA ASN B 28 2.15 -15.99 -13.14
C ASN B 28 1.61 -16.84 -11.99
N GLU B 29 1.15 -16.17 -10.93
CA GLU B 29 0.75 -16.91 -9.74
C GLU B 29 -0.47 -17.79 -9.98
N ASN B 30 -1.47 -17.27 -10.70
CA ASN B 30 -2.67 -18.08 -10.95
C ASN B 30 -2.33 -19.34 -11.72
N LYS B 31 -1.48 -19.22 -12.75
CA LYS B 31 -1.19 -20.36 -13.61
C LYS B 31 -0.06 -21.22 -13.08
N GLN B 32 0.67 -20.76 -12.06
CA GLN B 32 1.83 -21.47 -11.54
C GLN B 32 2.80 -21.80 -12.67
N GLN B 33 3.16 -20.76 -13.42
CA GLN B 33 4.05 -20.91 -14.55
C GLN B 33 4.94 -19.68 -14.65
N GLY B 34 6.19 -19.91 -15.04
CA GLY B 34 7.14 -18.83 -15.19
C GLY B 34 7.64 -18.63 -16.61
N PHE B 35 8.20 -17.47 -16.87
CA PHE B 35 8.62 -17.04 -18.19
C PHE B 35 9.89 -16.21 -18.07
N THR B 36 10.83 -16.42 -18.98
CA THR B 36 12.08 -15.65 -18.94
C THR B 36 12.70 -15.62 -20.32
N ASN B 37 13.51 -14.58 -20.57
CA ASN B 37 14.25 -14.52 -21.82
C ASN B 37 15.54 -15.34 -21.80
N ASN B 38 16.00 -15.76 -20.61
CA ASN B 38 17.30 -16.44 -20.51
C ASN B 38 17.25 -17.32 -19.26
N LEU B 39 16.95 -18.60 -19.46
N LEU B 39 16.94 -18.60 -19.46
CA LEU B 39 16.80 -19.50 -18.31
CA LEU B 39 16.81 -19.54 -18.35
C LEU B 39 18.11 -19.64 -17.54
C LEU B 39 18.10 -19.65 -17.56
N LYS B 40 19.25 -19.65 -18.24
CA LYS B 40 20.53 -19.76 -17.55
C LYS B 40 20.79 -18.56 -16.66
N ARG B 41 20.65 -17.35 -17.20
CA ARG B 41 20.88 -16.18 -16.38
C ARG B 41 19.83 -16.05 -15.28
N ALA B 42 18.62 -16.53 -15.52
CA ALA B 42 17.59 -16.51 -14.48
C ALA B 42 18.03 -17.29 -13.25
N ASN B 43 18.92 -18.27 -13.42
CA ASN B 43 19.40 -19.08 -12.33
C ASN B 43 20.82 -18.73 -11.90
N GLN B 44 21.38 -17.65 -12.42
CA GLN B 44 22.72 -17.23 -12.03
C GLN B 44 22.64 -16.39 -10.76
N ALA B 45 23.43 -16.75 -9.75
CA ALA B 45 23.34 -16.08 -8.47
C ALA B 45 24.32 -14.91 -8.40
N PHE B 46 23.82 -13.76 -7.97
CA PHE B 46 24.58 -12.52 -7.90
C PHE B 46 24.46 -11.95 -6.49
N LEU B 47 25.34 -10.99 -6.16
CA LEU B 47 25.15 -10.23 -4.95
C LEU B 47 23.78 -9.55 -5.00
N PRO B 48 23.02 -9.55 -3.89
CA PRO B 48 21.69 -8.91 -3.91
C PRO B 48 21.75 -7.40 -3.87
N ALA B 49 22.85 -6.82 -3.40
CA ALA B 49 22.93 -5.39 -3.19
C ALA B 49 21.71 -4.90 -2.42
N SER B 50 21.12 -3.79 -2.87
CA SER B 50 20.05 -3.16 -2.10
C SER B 50 18.74 -3.95 -2.08
N THR B 51 18.60 -4.99 -2.92
CA THR B 51 17.44 -5.86 -2.75
C THR B 51 17.47 -6.60 -1.43
N PHE B 52 18.64 -6.67 -0.78
CA PHE B 52 18.72 -7.27 0.54
C PHE B 52 17.97 -6.45 1.60
N KCX B 53 17.52 -5.15 1.23
CA KCX B 53 16.83 -4.45 2.31
CB KCX B 53 16.68 -2.97 1.98
CG KCX B 53 18.01 -2.25 1.91
CD KCX B 53 17.85 -0.81 1.49
CE KCX B 53 19.18 -0.07 1.57
NZ KCX B 53 20.22 -0.63 0.66
C KCX B 53 15.48 -5.08 2.63
O KCX B 53 15.04 -5.06 3.78
CX KCX B 53 21.21 -1.40 1.12
OQ1 KCX B 53 22.07 -1.85 0.34
OQ2 KCX B 53 21.26 -1.68 2.33
N LYS B 53 17.60 -5.21 1.29
CA LYS B 53 16.79 -4.44 2.22
C LYS B 53 15.46 -5.12 2.53
N ILE B 54 14.97 -6.01 1.67
CA ILE B 54 13.73 -6.72 1.96
C ILE B 54 13.95 -7.68 3.13
N PRO B 55 14.83 -8.69 3.03
CA PRO B 55 15.01 -9.58 4.20
C PRO B 55 15.56 -8.85 5.43
N ASN B 56 16.44 -7.87 5.22
CA ASN B 56 16.98 -7.12 6.36
C ASN B 56 15.85 -6.44 7.13
N SER B 57 14.91 -5.82 6.42
CA SER B 57 13.77 -5.18 7.08
C SER B 57 12.95 -6.20 7.86
N LEU B 58 12.69 -7.36 7.26
CA LEU B 58 11.88 -8.37 7.93
C LEU B 58 12.52 -8.81 9.23
N ILE B 59 13.83 -9.05 9.21
CA ILE B 59 14.53 -9.51 10.40
C ILE B 59 14.57 -8.42 11.46
N ALA B 60 14.85 -7.18 11.03
CA ALA B 60 14.89 -6.08 11.99
C ALA B 60 13.55 -5.90 12.69
N LEU B 61 12.45 -5.97 11.94
CA LEU B 61 11.13 -5.87 12.54
C LEU B 61 10.84 -7.03 13.47
N ASP B 62 11.15 -8.25 13.04
CA ASP B 62 10.76 -9.40 13.84
C ASP B 62 11.51 -9.43 15.17
N LEU B 63 12.74 -8.90 15.19
CA LEU B 63 13.54 -8.87 16.40
C LEU B 63 13.32 -7.61 17.23
N GLY B 64 12.54 -6.65 16.72
CA GLY B 64 12.32 -5.42 17.45
C GLY B 64 13.44 -4.41 17.31
N VAL B 65 14.41 -4.67 16.44
CA VAL B 65 15.40 -3.65 16.10
C VAL B 65 14.72 -2.43 15.49
N VAL B 66 13.71 -2.68 14.67
CA VAL B 66 12.79 -1.64 14.20
C VAL B 66 11.45 -1.91 14.85
N LYS B 67 10.94 -0.91 15.56
CA LYS B 67 9.70 -1.13 16.32
C LYS B 67 8.48 -1.08 15.40
N ASP B 68 8.46 -0.18 14.44
CA ASP B 68 7.35 -0.05 13.48
C ASP B 68 7.86 0.83 12.34
N GLU B 69 7.00 1.03 11.35
CA GLU B 69 7.43 1.74 10.15
C GLU B 69 7.52 3.24 10.33
N HIS B 70 7.16 3.77 11.51
CA HIS B 70 7.23 5.20 11.79
C HIS B 70 8.42 5.58 12.63
N GLN B 71 9.09 4.62 13.25
CA GLN B 71 10.22 4.93 14.11
C GLN B 71 11.29 5.67 13.31
N VAL B 72 11.80 6.76 13.87
CA VAL B 72 12.76 7.61 13.17
C VAL B 72 14.17 7.15 13.50
N PHE B 73 14.99 7.01 12.49
CA PHE B 73 16.41 6.72 12.63
C PHE B 73 17.16 7.98 12.22
N LYS B 74 17.74 8.68 13.20
CA LYS B 74 18.34 9.98 12.97
C LYS B 74 19.57 9.84 12.09
N TRP B 75 19.75 10.82 11.20
CA TRP B 75 20.98 10.94 10.44
C TRP B 75 22.17 11.00 11.40
N ASP B 76 23.22 10.25 11.09
CA ASP B 76 24.42 10.26 11.93
C ASP B 76 25.30 11.49 11.72
N GLY B 77 24.93 12.38 10.80
CA GLY B 77 25.67 13.60 10.60
C GLY B 77 26.82 13.54 9.62
N GLN B 78 27.09 12.38 9.03
CA GLN B 78 28.15 12.26 8.04
C GLN B 78 27.55 12.52 6.67
N THR B 79 28.10 13.50 5.95
CA THR B 79 27.57 13.86 4.65
C THR B 79 28.03 12.84 3.62
N ARG B 80 27.09 12.13 3.01
CA ARG B 80 27.37 11.13 2.00
C ARG B 80 26.95 11.65 0.63
N ASP B 81 27.35 10.90 -0.42
CA ASP B 81 27.23 11.39 -1.79
C ASP B 81 25.79 11.44 -2.29
N ILE B 82 24.89 10.65 -1.72
CA ILE B 82 23.48 10.67 -2.12
C ILE B 82 22.74 11.57 -1.14
N ALA B 83 22.28 12.73 -1.64
CA ALA B 83 21.78 13.78 -0.76
C ALA B 83 20.59 13.32 0.08
N THR B 84 19.72 12.47 -0.48
CA THR B 84 18.57 12.01 0.28
C THR B 84 18.94 11.17 1.49
N TRP B 85 20.19 10.71 1.59
CA TRP B 85 20.62 9.95 2.75
C TRP B 85 20.98 10.83 3.93
N ASN B 86 21.19 12.12 3.71
CA ASN B 86 21.69 13.02 4.75
C ASN B 86 20.54 13.67 5.52
N ARG B 87 19.64 12.84 6.02
CA ARG B 87 18.48 13.31 6.76
C ARG B 87 17.96 12.14 7.60
N ASP B 88 17.02 12.44 8.49
CA ASP B 88 16.35 11.43 9.28
C ASP B 88 15.44 10.59 8.39
N HIS B 89 15.29 9.31 8.73
CA HIS B 89 14.48 8.40 7.94
C HIS B 89 13.69 7.47 8.85
N ASN B 90 12.57 6.98 8.32
CA ASN B 90 11.86 5.84 8.90
C ASN B 90 11.99 4.68 7.93
N LEU B 91 11.36 3.56 8.27
CA LEU B 91 11.50 2.37 7.42
C LEU B 91 10.99 2.62 6.00
N ILE B 92 9.88 3.34 5.88
CA ILE B 92 9.30 3.62 4.56
C ILE B 92 10.28 4.42 3.71
N THR B 93 10.81 5.51 4.26
CA THR B 93 11.68 6.34 3.44
C THR B 93 13.07 5.74 3.31
N ALA B 94 13.52 4.96 4.31
CA ALA B 94 14.81 4.28 4.16
C ALA B 94 14.77 3.28 3.02
N MET B 95 13.64 2.61 2.84
N MET B 95 13.63 2.61 2.83
CA MET B 95 13.47 1.71 1.71
CA MET B 95 13.53 1.71 1.68
C MET B 95 13.39 2.51 0.41
C MET B 95 13.37 2.49 0.38
N LYS B 96 12.54 3.54 0.40
CA LYS B 96 12.30 4.31 -0.83
C LYS B 96 13.59 4.91 -1.39
N TYR B 97 14.43 5.48 -0.53
CA TYR B 97 15.66 6.11 -0.95
C TYR B 97 16.87 5.20 -0.79
N SER B 98 16.63 3.94 -0.43
CA SER B 98 17.68 2.92 -0.36
C SER B 98 18.85 3.39 0.50
N VAL B 99 18.52 3.80 1.72
CA VAL B 99 19.47 4.46 2.60
C VAL B 99 20.38 3.44 3.29
N VAL B 100 21.52 3.14 2.64
CA VAL B 100 22.45 2.13 3.16
C VAL B 100 22.85 2.31 4.62
N PRO B 101 23.27 3.49 5.09
CA PRO B 101 23.72 3.58 6.48
C PRO B 101 22.66 3.19 7.49
N VAL B 102 21.39 3.46 7.20
CA VAL B 102 20.34 3.02 8.11
C VAL B 102 20.30 1.50 8.18
N TYR B 103 20.39 0.84 7.03
CA TYR B 103 20.32 -0.62 7.00
C TYR B 103 21.58 -1.26 7.54
N GLN B 104 22.72 -0.57 7.44
CA GLN B 104 23.93 -1.09 8.08
C GLN B 104 23.79 -1.09 9.59
N GLU B 105 23.18 -0.04 10.15
CA GLU B 105 22.92 -0.02 11.58
C GLU B 105 21.95 -1.14 11.98
N PHE B 106 20.89 -1.37 11.19
CA PHE B 106 20.00 -2.49 11.49
C PHE B 106 20.79 -3.79 11.57
N ALA B 107 21.67 -4.00 10.58
CA ALA B 107 22.41 -5.25 10.47
C ALA B 107 23.32 -5.45 11.66
N ARG B 108 24.00 -4.39 12.10
CA ARG B 108 24.85 -4.50 13.28
C ARG B 108 24.03 -4.86 14.51
N GLN B 109 22.84 -4.27 14.66
CA GLN B 109 22.02 -4.60 15.82
C GLN B 109 21.48 -6.02 15.75
N ILE B 110 21.11 -6.47 14.55
CA ILE B 110 20.71 -7.87 14.37
C ILE B 110 21.85 -8.79 14.80
N GLY B 111 23.05 -8.53 14.28
CA GLY B 111 24.22 -9.30 14.63
C GLY B 111 24.33 -10.55 13.77
N GLU B 112 25.56 -11.06 13.67
CA GLU B 112 25.82 -12.11 12.69
C GLU B 112 25.08 -13.40 13.04
N ALA B 113 25.00 -13.76 14.32
CA ALA B 113 24.39 -15.04 14.66
C ALA B 113 22.91 -15.06 14.28
N ARG B 114 22.18 -13.99 14.62
CA ARG B 114 20.77 -13.94 14.25
C ARG B 114 20.58 -13.75 12.76
N MET B 115 21.45 -12.98 12.11
CA MET B 115 21.32 -12.79 10.66
C MET B 115 21.44 -14.12 9.93
N SER B 116 22.48 -14.90 10.27
N SER B 116 22.47 -14.91 10.28
CA SER B 116 22.68 -16.18 9.61
CA SER B 116 22.67 -16.19 9.58
C SER B 116 21.52 -17.13 9.86
C SER B 116 21.53 -17.16 9.87
N LYS B 117 21.04 -17.20 11.11
CA LYS B 117 19.93 -18.08 11.45
C LYS B 117 18.68 -17.71 10.66
N MET B 118 18.43 -16.42 10.50
N MET B 118 18.41 -16.41 10.53
CA MET B 118 17.20 -16.01 9.83
CA MET B 118 17.21 -15.96 9.83
C MET B 118 17.28 -16.19 8.32
C MET B 118 17.30 -16.25 8.34
N LEU B 119 18.47 -15.99 7.73
CA LEU B 119 18.59 -16.26 6.30
C LEU B 119 18.47 -17.75 6.00
N HIS B 120 18.95 -18.60 6.90
CA HIS B 120 18.71 -20.02 6.73
C HIS B 120 17.23 -20.32 6.81
N ALA B 121 16.53 -19.74 7.79
CA ALA B 121 15.09 -19.95 7.90
C ALA B 121 14.34 -19.47 6.67
N PHE B 122 14.81 -18.38 6.06
CA PHE B 122 14.20 -17.82 4.85
C PHE B 122 14.57 -18.61 3.60
N ASP B 123 15.52 -19.54 3.68
CA ASP B 123 15.99 -20.26 2.48
C ASP B 123 16.56 -19.28 1.45
N TYR B 124 17.21 -18.21 1.92
CA TYR B 124 17.54 -17.05 1.08
C TYR B 124 18.87 -17.25 0.36
N GLY B 125 18.81 -17.45 -0.96
CA GLY B 125 20.04 -17.52 -1.74
C GLY B 125 20.97 -18.61 -1.21
N ASN B 126 22.26 -18.31 -1.18
CA ASN B 126 23.23 -19.27 -0.66
C ASN B 126 23.40 -19.15 0.86
N GLU B 127 22.64 -18.25 1.51
CA GLU B 127 22.57 -18.11 2.97
C GLU B 127 23.90 -17.73 3.60
N ASP B 128 24.86 -17.24 2.82
CA ASP B 128 26.24 -17.06 3.25
C ASP B 128 26.46 -15.60 3.64
N ILE B 129 26.73 -15.35 4.92
CA ILE B 129 26.93 -13.99 5.40
C ILE B 129 28.41 -13.65 5.59
N SER B 130 29.30 -14.39 4.92
N SER B 130 29.30 -14.39 4.92
CA SER B 130 30.74 -14.15 5.06
CA SER B 130 30.73 -14.15 5.07
C SER B 130 31.07 -12.72 4.69
C SER B 130 31.07 -12.72 4.69
N GLY B 131 32.01 -12.14 5.43
CA GLY B 131 32.30 -10.74 5.37
C GLY B 131 31.77 -10.05 6.61
N ASN B 132 31.60 -8.75 6.51
CA ASN B 132 31.08 -7.98 7.62
C ASN B 132 29.56 -8.11 7.67
N VAL B 133 28.99 -8.20 8.88
CA VAL B 133 27.54 -8.30 9.00
C VAL B 133 26.85 -7.07 8.41
N ASP B 134 27.54 -5.94 8.34
CA ASP B 134 26.93 -4.73 7.81
C ASP B 134 27.34 -4.41 6.37
N SER B 135 27.92 -5.37 5.66
CA SER B 135 28.21 -5.13 4.25
C SER B 135 28.20 -6.39 3.39
N PHE B 136 27.85 -7.56 3.92
CA PHE B 136 28.02 -8.78 3.14
C PHE B 136 27.17 -8.79 1.88
N TRP B 137 26.04 -8.07 1.88
CA TRP B 137 25.18 -8.03 0.71
C TRP B 137 25.71 -7.09 -0.36
N LEU B 138 26.71 -6.28 -0.03
N LEU B 138 26.69 -6.26 -0.04
CA LEU B 138 27.36 -5.34 -0.95
CA LEU B 138 27.35 -5.40 -1.02
C LEU B 138 28.74 -5.78 -1.39
C LEU B 138 28.69 -5.95 -1.47
N ASP B 139 29.48 -6.52 -0.54
CA ASP B 139 30.84 -6.92 -0.91
C ASP B 139 31.27 -8.23 -0.25
N GLY B 140 30.32 -9.04 0.23
CA GLY B 140 30.64 -10.29 0.87
C GLY B 140 30.22 -11.48 0.04
N GLY B 141 29.85 -12.57 0.70
CA GLY B 141 29.67 -13.84 0.02
C GLY B 141 28.26 -14.24 -0.34
N ILE B 142 27.24 -13.47 0.05
N ILE B 142 27.25 -13.45 0.02
CA ILE B 142 25.87 -13.85 -0.24
CA ILE B 142 25.87 -13.86 -0.24
C ILE B 142 25.63 -13.74 -1.75
C ILE B 142 25.56 -13.71 -1.73
N ARG B 143 24.86 -14.70 -2.28
CA ARG B 143 24.50 -14.71 -3.69
C ARG B 143 23.09 -15.23 -3.82
N ILE B 144 22.33 -14.63 -4.74
CA ILE B 144 20.95 -15.04 -4.96
C ILE B 144 20.63 -14.85 -6.44
N SER B 145 19.92 -15.82 -7.01
CA SER B 145 19.53 -15.73 -8.41
C SER B 145 18.14 -15.09 -8.53
N ALA B 146 17.78 -14.78 -9.78
CA ALA B 146 16.47 -14.19 -10.01
C ALA B 146 15.35 -15.15 -9.65
N THR B 147 15.49 -16.44 -9.99
CA THR B 147 14.44 -17.37 -9.58
C THR B 147 14.39 -17.54 -8.07
N GLU B 148 15.54 -17.45 -7.40
CA GLU B 148 15.54 -17.51 -5.93
C GLU B 148 14.89 -16.28 -5.34
N GLN B 149 15.06 -15.11 -5.97
CA GLN B 149 14.33 -13.92 -5.52
C GLN B 149 12.83 -14.14 -5.65
N ILE B 150 12.38 -14.71 -6.77
CA ILE B 150 10.95 -14.97 -6.93
C ILE B 150 10.45 -15.91 -5.85
N SER B 151 11.19 -16.99 -5.57
N SER B 151 11.19 -16.99 -5.55
CA SER B 151 10.78 -17.92 -4.52
CA SER B 151 10.77 -17.91 -4.51
C SER B 151 10.62 -17.20 -3.19
C SER B 151 10.63 -17.22 -3.18
N PHE B 152 11.60 -16.35 -2.83
CA PHE B 152 11.53 -15.62 -1.57
C PHE B 152 10.33 -14.67 -1.57
N LEU B 153 10.13 -13.94 -2.66
CA LEU B 153 9.02 -12.98 -2.74
C LEU B 153 7.67 -13.67 -2.67
N ARG B 154 7.54 -14.86 -3.29
CA ARG B 154 6.27 -15.58 -3.20
C ARG B 154 5.95 -15.94 -1.75
N LYS B 155 6.96 -16.41 -1.00
CA LYS B 155 6.73 -16.68 0.42
C LYS B 155 6.30 -15.41 1.15
N LEU B 156 6.97 -14.30 0.89
CA LEU B 156 6.60 -13.04 1.53
C LEU B 156 5.16 -12.65 1.19
N TYR B 157 4.79 -12.74 -0.10
CA TYR B 157 3.44 -12.39 -0.52
C TYR B 157 2.40 -13.19 0.26
N HIS B 158 2.65 -14.48 0.48
CA HIS B 158 1.71 -15.37 1.14
C HIS B 158 1.88 -15.43 2.66
N ASN B 159 2.73 -14.57 3.23
CA ASN B 159 3.01 -14.55 4.67
C ASN B 159 3.57 -15.88 5.17
N LYS B 160 4.33 -16.57 4.32
CA LYS B 160 4.85 -17.89 4.65
C LYS B 160 6.29 -17.89 5.14
N LEU B 161 6.95 -16.73 5.22
CA LEU B 161 8.29 -16.71 5.79
C LEU B 161 8.22 -16.93 7.30
N HIS B 162 9.33 -17.43 7.85
N HIS B 162 9.33 -17.43 7.86
CA HIS B 162 9.44 -17.73 9.28
CA HIS B 162 9.37 -17.77 9.27
C HIS B 162 9.74 -16.47 10.09
C HIS B 162 9.63 -16.54 10.15
N VAL B 163 8.83 -15.50 9.96
CA VAL B 163 8.76 -14.33 10.83
C VAL B 163 7.28 -14.04 10.99
N SER B 164 6.95 -13.09 11.87
CA SER B 164 5.54 -12.84 12.13
C SER B 164 4.82 -12.31 10.90
N GLU B 165 3.51 -12.53 10.88
CA GLU B 165 2.69 -11.95 9.83
C GLU B 165 2.82 -10.43 9.83
N ARG B 166 2.87 -9.83 11.02
CA ARG B 166 3.01 -8.37 11.12
C ARG B 166 4.26 -7.87 10.41
N SER B 167 5.41 -8.52 10.66
CA SER B 167 6.64 -8.11 10.00
C SER B 167 6.48 -8.17 8.49
N GLN B 168 5.84 -9.23 7.99
CA GLN B 168 5.67 -9.38 6.55
C GLN B 168 4.75 -8.30 5.98
N ARG B 169 3.66 -8.00 6.70
CA ARG B 169 2.76 -6.95 6.23
C ARG B 169 3.44 -5.59 6.21
N ILE B 170 4.27 -5.29 7.21
CA ILE B 170 4.93 -3.99 7.23
C ILE B 170 5.91 -3.87 6.07
N VAL B 171 6.70 -4.92 5.82
CA VAL B 171 7.67 -4.87 4.73
C VAL B 171 6.96 -4.74 3.38
N LYS B 172 5.85 -5.46 3.18
CA LYS B 172 5.12 -5.32 1.92
C LYS B 172 4.59 -3.90 1.75
N GLN B 173 4.16 -3.27 2.84
CA GLN B 173 3.80 -1.86 2.79
C GLN B 173 4.99 -1.00 2.36
N ALA B 174 6.16 -1.23 2.96
CA ALA B 174 7.33 -0.43 2.65
C ALA B 174 7.83 -0.67 1.23
N MET B 175 7.49 -1.79 0.61
CA MET B 175 7.89 -2.06 -0.77
C MET B 175 7.01 -1.33 -1.79
N LEU B 176 5.91 -0.73 -1.36
CA LEU B 176 5.02 -0.07 -2.32
C LEU B 176 5.78 0.95 -3.15
N THR B 177 5.69 0.80 -4.46
CA THR B 177 6.39 1.66 -5.41
C THR B 177 5.45 2.46 -6.29
N GLU B 178 4.39 1.86 -6.80
CA GLU B 178 3.47 2.55 -7.69
C GLU B 178 2.11 1.90 -7.54
N ALA B 179 1.05 2.71 -7.64
CA ALA B 179 -0.29 2.16 -7.62
C ALA B 179 -1.23 3.09 -8.37
N ASN B 180 -2.12 2.49 -9.15
CA ASN B 180 -3.21 3.22 -9.79
C ASN B 180 -4.37 2.26 -9.99
N GLY B 181 -5.37 2.67 -10.75
CA GLY B 181 -6.53 1.83 -10.97
C GLY B 181 -6.27 0.58 -11.78
N ASP B 182 -5.09 0.46 -12.39
CA ASP B 182 -4.77 -0.70 -13.21
C ASP B 182 -3.89 -1.72 -12.49
N TYR B 183 -3.02 -1.28 -11.59
CA TYR B 183 -2.09 -2.22 -10.98
C TYR B 183 -1.46 -1.60 -9.74
N ILE B 184 -0.84 -2.47 -8.94
CA ILE B 184 -0.02 -2.07 -7.80
C ILE B 184 1.32 -2.77 -7.96
N ILE B 185 2.42 -2.01 -7.82
CA ILE B 185 3.75 -2.59 -7.86
C ILE B 185 4.39 -2.45 -6.48
N ARG B 186 4.84 -3.57 -5.93
CA ARG B 186 5.66 -3.61 -4.72
C ARG B 186 7.01 -4.19 -5.13
N ALA B 187 8.09 -3.44 -4.88
CA ALA B 187 9.37 -3.85 -5.47
C ALA B 187 10.53 -3.16 -4.78
N LYS B 188 11.74 -3.60 -5.13
CA LYS B 188 12.96 -2.99 -4.61
C LYS B 188 14.06 -3.09 -5.66
N THR B 189 14.78 -1.98 -5.84
CA THR B 189 15.92 -1.89 -6.75
C THR B 189 17.22 -2.25 -6.03
N GLY B 190 18.24 -2.56 -6.83
CA GLY B 190 19.58 -2.75 -6.30
C GLY B 190 20.61 -2.52 -7.40
N TYR B 191 21.83 -2.22 -6.97
CA TYR B 191 22.93 -1.98 -7.91
C TYR B 191 24.24 -2.24 -7.18
N ASP B 192 25.12 -3.06 -7.77
CA ASP B 192 26.37 -3.44 -7.10
C ASP B 192 27.61 -2.94 -7.84
N THR B 193 27.47 -1.95 -8.70
CA THR B 193 28.48 -1.40 -9.61
C THR B 193 28.72 -2.27 -10.83
N LYS B 194 28.25 -3.51 -10.86
CA LYS B 194 28.36 -4.40 -12.01
C LYS B 194 27.01 -4.76 -12.62
N ILE B 195 26.02 -5.08 -11.78
CA ILE B 195 24.69 -5.41 -12.26
C ILE B 195 23.65 -4.60 -11.50
N GLY B 196 22.53 -4.34 -12.18
CA GLY B 196 21.38 -3.72 -11.56
C GLY B 196 20.25 -4.72 -11.40
N TRP B 197 19.46 -4.58 -10.33
CA TRP B 197 18.34 -5.45 -10.03
C TRP B 197 17.04 -4.65 -9.94
N TRP B 198 15.93 -5.30 -10.26
CA TRP B 198 14.61 -4.85 -9.80
C TRP B 198 13.80 -6.10 -9.52
N VAL B 199 13.29 -6.24 -8.29
CA VAL B 199 12.55 -7.43 -7.93
C VAL B 199 11.27 -7.03 -7.21
N GLY B 200 10.21 -7.80 -7.42
CA GLY B 200 8.97 -7.47 -6.73
C GLY B 200 7.80 -8.19 -7.36
N TRP B 201 6.66 -7.52 -7.36
CA TRP B 201 5.50 -8.10 -8.02
C TRP B 201 4.49 -7.02 -8.43
N VAL B 202 3.62 -7.42 -9.35
CA VAL B 202 2.52 -6.58 -9.84
C VAL B 202 1.23 -7.23 -9.40
N GLU B 203 0.45 -6.52 -8.58
CA GLU B 203 -0.87 -7.00 -8.15
C GLU B 203 -1.91 -6.50 -9.14
N LEU B 204 -2.69 -7.42 -9.69
CA LEU B 204 -3.85 -7.12 -10.51
C LEU B 204 -5.10 -7.48 -9.71
N ASP B 205 -6.26 -7.15 -10.29
CA ASP B 205 -7.53 -7.47 -9.62
C ASP B 205 -7.64 -8.96 -9.34
N ASP B 206 -7.22 -9.82 -10.27
CA ASP B 206 -7.47 -11.25 -10.11
C ASP B 206 -6.23 -12.10 -10.33
N ASN B 207 -5.04 -11.52 -10.21
CA ASN B 207 -3.81 -12.29 -10.35
C ASN B 207 -2.68 -11.45 -9.76
N VAL B 208 -1.56 -12.12 -9.55
N VAL B 208 -1.55 -12.10 -9.53
CA VAL B 208 -0.30 -11.49 -9.15
CA VAL B 208 -0.33 -11.40 -9.17
C VAL B 208 0.77 -12.01 -10.10
C VAL B 208 0.82 -11.98 -9.98
N TRP B 209 1.61 -11.10 -10.57
CA TRP B 209 2.76 -11.45 -11.40
C TRP B 209 4.02 -11.08 -10.62
N PHE B 210 4.80 -12.08 -10.22
CA PHE B 210 6.08 -11.78 -9.60
C PHE B 210 7.13 -11.54 -10.67
N PHE B 211 8.10 -10.69 -10.37
CA PHE B 211 9.17 -10.44 -11.33
C PHE B 211 10.50 -10.30 -10.62
N ALA B 212 11.56 -10.67 -11.33
CA ALA B 212 12.91 -10.39 -10.88
C ALA B 212 13.73 -10.18 -12.13
N MET B 213 14.41 -9.05 -12.21
CA MET B 213 15.25 -8.75 -13.35
C MET B 213 16.62 -8.34 -12.86
N ASN B 214 17.63 -8.70 -13.64
CA ASN B 214 18.93 -8.08 -13.47
C ASN B 214 19.56 -7.82 -14.83
N MET B 215 20.48 -6.87 -14.85
CA MET B 215 21.09 -6.48 -16.11
C MET B 215 22.50 -5.97 -15.86
N ASP B 216 23.35 -6.08 -16.87
CA ASP B 216 24.70 -5.53 -16.76
C ASP B 216 24.61 -4.01 -16.67
N MET B 217 25.34 -3.42 -15.74
CA MET B 217 25.20 -2.01 -15.40
C MET B 217 26.58 -1.43 -15.17
N PRO B 218 27.31 -1.14 -16.25
CA PRO B 218 28.68 -0.61 -16.08
C PRO B 218 28.75 0.70 -15.33
N THR B 219 27.83 1.62 -15.59
CA THR B 219 27.78 2.90 -14.89
C THR B 219 26.38 3.12 -14.35
N SER B 220 26.25 4.11 -13.46
CA SER B 220 24.98 4.44 -12.86
C SER B 220 24.06 5.23 -13.80
N ASP B 221 24.57 5.64 -14.97
CA ASP B 221 23.76 6.44 -15.88
C ASP B 221 22.53 5.68 -16.38
N GLY B 222 22.63 4.36 -16.51
CA GLY B 222 21.54 3.58 -17.06
C GLY B 222 20.63 2.93 -16.02
N LEU B 223 20.64 3.44 -14.78
CA LEU B 223 19.88 2.78 -13.72
C LEU B 223 18.38 2.80 -13.99
N GLY B 224 17.87 3.84 -14.66
CA GLY B 224 16.45 3.88 -14.98
C GLY B 224 16.01 2.78 -15.92
N LEU B 225 16.95 2.12 -16.61
CA LEU B 225 16.61 1.02 -17.50
C LEU B 225 16.09 -0.20 -16.74
N ARG B 226 16.43 -0.34 -15.46
CA ARG B 226 15.91 -1.47 -14.69
C ARG B 226 14.38 -1.50 -14.74
N GLN B 227 13.75 -0.36 -14.42
CA GLN B 227 12.30 -0.30 -14.45
C GLN B 227 11.76 -0.19 -15.87
N ALA B 228 12.43 0.57 -16.74
CA ALA B 228 11.91 0.79 -18.09
C ALA B 228 11.86 -0.51 -18.89
N ILE B 229 12.93 -1.30 -18.83
CA ILE B 229 12.96 -2.57 -19.56
C ILE B 229 11.92 -3.53 -18.98
N THR B 230 11.86 -3.64 -17.66
CA THR B 230 10.86 -4.50 -17.04
C THR B 230 9.45 -4.11 -17.48
N LYS B 231 9.15 -2.80 -17.47
CA LYS B 231 7.81 -2.37 -17.87
C LYS B 231 7.54 -2.64 -19.34
N GLU B 232 8.55 -2.59 -20.20
CA GLU B 232 8.33 -2.97 -21.60
C GLU B 232 7.90 -4.43 -21.71
N VAL B 233 8.51 -5.30 -20.90
CA VAL B 233 8.09 -6.71 -20.88
C VAL B 233 6.67 -6.83 -20.36
N LEU B 234 6.38 -6.17 -19.23
CA LEU B 234 5.04 -6.23 -18.67
C LEU B 234 4.01 -5.73 -19.67
N LYS B 235 4.35 -4.69 -20.43
CA LYS B 235 3.45 -4.17 -21.45
C LYS B 235 3.27 -5.16 -22.59
N GLN B 236 4.36 -5.78 -23.04
CA GLN B 236 4.25 -6.75 -24.13
C GLN B 236 3.37 -7.91 -23.73
N GLU B 237 3.46 -8.34 -22.47
CA GLU B 237 2.67 -9.47 -21.99
C GLU B 237 1.27 -9.05 -21.54
N LYS B 238 0.89 -7.79 -21.74
CA LYS B 238 -0.46 -7.29 -21.44
C LYS B 238 -0.77 -7.34 -19.94
N ILE B 239 0.28 -7.30 -19.11
CA ILE B 239 0.09 -7.27 -17.66
C ILE B 239 -0.26 -5.86 -17.20
N ILE B 240 0.38 -4.85 -17.79
CA ILE B 240 0.04 -3.45 -17.53
C ILE B 240 -0.25 -2.79 -18.87
N PRO B 241 -1.06 -1.73 -18.92
CA PRO B 241 -1.42 -1.08 -20.19
C PRO B 241 -0.23 -0.42 -20.87
C1 OP0 C . -21.63 3.98 -1.79
O8 OP0 C . -21.40 5.14 -1.53
N14 OP0 C . -22.20 3.57 -2.98
C2 OP0 C . -23.18 4.43 -3.66
C3 OP0 C . -24.55 3.77 -3.69
N15 OP0 C . -25.38 4.21 -4.63
O9 OP0 C . -24.85 2.90 -2.88
C7 OP0 C . -21.85 2.37 -3.72
C6 OP0 C . -21.07 2.77 -4.96
C5 OP0 C . -21.95 3.65 -5.83
C4 OP0 C . -22.60 4.79 -5.04
N16 OP0 C . -19.90 3.46 -4.51
S17 OP0 C . -18.42 5.37 -4.98
O10 OP0 C . -19.35 4.28 -5.54
O13 OP0 C . -19.34 6.33 -4.34
O12 OP0 C . -17.88 5.95 -6.12
O11 OP0 C . -17.66 4.74 -3.99
N21 OP0 C . -28.93 2.39 -3.77
C22 OP0 C . -28.96 3.81 -4.19
C23 OP0 C . -27.62 4.45 -4.04
O24 OP0 C . -26.64 3.59 -4.65
C1 EDO D . 1.10 6.24 -10.61
O1 EDO D . 0.83 5.32 -11.68
C2 EDO D . -0.20 6.94 -10.17
O2 EDO D . 0.07 8.30 -9.85
C1 GOL E . -22.60 -12.00 -1.65
O1 GOL E . -21.34 -11.70 -1.15
C2 GOL E . -22.97 -10.94 -2.72
O2 GOL E . -24.34 -10.83 -2.89
C3 GOL E . -22.25 -11.37 -4.03
O3 GOL E . -22.97 -10.87 -5.14
C23 A1IYS F . -27.69 4.21 -4.47
C22 A1IYS F . -28.70 3.82 -3.44
C4 A1IYS F . -22.61 4.79 -5.10
C5 A1IYS F . -22.00 3.61 -5.87
C6 A1IYS F . -21.07 2.78 -5.00
C7 A1IYS F . -21.77 2.42 -3.71
C1 A1IYS F . -21.51 4.09 -1.82
C2 A1IYS F . -23.10 4.50 -3.67
C3 A1IYS F . -24.49 3.84 -3.67
N15 A1IYS F . -25.39 4.44 -4.46
N21 A1IYS F . -28.99 2.36 -3.51
N16 A1IYS F . -19.87 3.56 -4.69
N14 A1IYS F . -22.11 3.66 -2.99
O10 A1IYS F . -19.15 4.19 -5.67
O24 A1IYS F . -26.56 4.81 -3.79
O9 A1IYS F . -24.74 2.86 -2.99
O8 A1IYS F . -21.55 5.22 -1.42
CL CL G . 0.04 -0.82 1.03
C1 OP0 H . 22.05 -0.82 -3.21
O8 OP0 H . 21.80 -1.49 -4.18
N14 OP0 H . 22.56 0.40 -3.26
C2 OP0 H . 23.59 0.74 -4.25
C3 OP0 H . 24.99 0.91 -3.67
N15 OP0 H . 25.07 1.48 -2.47
O9 OP0 H . 25.97 0.52 -4.29
C7 OP0 H . 22.02 1.46 -2.40
C6 OP0 H . 21.43 2.54 -3.27
C5 OP0 H . 22.49 3.07 -4.22
C4 OP0 H . 23.11 1.96 -5.06
N16 OP0 H . 20.31 1.95 -3.96
S17 OP0 H . 18.99 1.70 -6.05
O10 OP0 H . 19.96 2.58 -5.18
O13 OP0 H . 19.85 0.84 -6.83
O12 OP0 H . 18.37 2.66 -6.88
O11 OP0 H . 18.32 0.91 -5.14
N21 OP0 H . 27.45 2.39 1.01
C22 OP0 H . 26.81 2.45 -0.32
C23 OP0 H . 26.91 1.13 -1.04
O24 OP0 H . 25.61 0.68 -1.45
C23 A1IYS I . 26.77 1.08 -1.05
C22 A1IYS I . 26.71 2.42 -0.38
C4 A1IYS I . 23.15 2.04 -5.06
C5 A1IYS I . 22.55 3.15 -4.20
C6 A1IYS I . 21.44 2.63 -3.31
C7 A1IYS I . 21.98 1.49 -2.47
C1 A1IYS I . 21.84 -0.74 -3.33
C2 A1IYS I . 23.51 0.74 -4.32
C3 A1IYS I . 24.92 0.85 -3.71
N15 A1IYS I . 25.01 1.49 -2.54
N21 A1IYS I . 27.38 2.39 0.95
N16 A1IYS I . 20.34 2.15 -4.11
N14 A1IYS I . 22.45 0.44 -3.35
O10 A1IYS I . 19.81 2.88 -5.02
O24 A1IYS I . 25.45 0.69 -1.48
O9 A1IYS I . 25.88 0.38 -4.29
O8 A1IYS I . 21.88 -1.57 -4.18
C1 GOL J . 21.85 5.01 10.79
O1 GOL J . 21.07 5.05 11.94
C2 GOL J . 22.74 6.26 10.78
O2 GOL J . 23.99 6.00 10.24
C3 GOL J . 21.95 7.30 9.94
O3 GOL J . 22.88 8.08 9.23
O1 2PE K . 10.96 -12.69 23.20
C2 2PE K . 11.05 -11.37 23.71
C3 2PE K . 10.07 -10.45 23.04
O4 2PE K . 10.31 -9.11 23.45
C5 2PE K . 9.83 -8.16 22.51
C6 2PE K . 10.79 -8.02 21.38
O7 2PE K . 10.27 -7.15 20.40
C8 2PE K . 9.20 -7.72 19.66
C9 2PE K . 8.74 -6.77 18.60
O10 2PE K . 7.66 -7.34 17.88
C11 2PE K . 6.54 -6.48 17.76
C12 2PE K . 5.80 -6.41 19.05
O13 2PE K . 4.54 -5.79 18.83
C14 2PE K . 4.14 -4.93 19.90
C15 2PE K . 3.13 -5.62 20.76
O16 2PE K . 3.77 -6.33 21.82
C17 2PE K . 3.34 -7.67 21.94
C18 2PE K . 1.87 -7.72 22.22
O19 2PE K . 1.51 -9.01 22.67
C20 2PE K . 1.07 -9.87 21.63
C21 2PE K . -0.41 -9.82 21.51
O22 2PE K . -0.79 -8.77 20.64
C23 2PE K . -1.66 -9.19 19.60
C24 2PE K . -0.87 -9.52 18.37
O25 2PE K . -0.64 -10.92 18.29
C26 2PE K . 0.30 -11.27 17.29
C27 2PE K . 0.48 -12.75 17.25
O28 2PE K . -0.54 -13.38 16.49
#